data_1QQ2
#
_entry.id   1QQ2
#
_cell.length_a   73.900
_cell.length_b   73.900
_cell.length_c   211.300
_cell.angle_alpha   90.00
_cell.angle_beta   90.00
_cell.angle_gamma   90.00
#
_symmetry.space_group_name_H-M   'P 41 21 2'
#
loop_
_entity.id
_entity.type
_entity.pdbx_description
1 polymer 'THIOREDOXIN PEROXIDASE 2'
2 non-polymer 'CHLORIDE ION'
3 water water
#
_entity_poly.entity_id   1
_entity_poly.type   'polypeptide(L)'
_entity_poly.pdbx_seq_one_letter_code
;MSSGNAKIGHPAPSFKATAVMPDGQFKDISLSDYKGKYVVFFFYPLDFTFVCPTEIIAFSDRAEEFKKLNCQVIGASVDS
HFSHLAWINTPKKQGGLGPMNIPLVSDPKRTIAQDYGVLKADEGISFRGLFIIDDKGILRQITINDLPVGRSVDEILRLV
QAFQFTDKHGEVCPAGWKPGSDTIKPDVNKSKEYFSKQK
;
_entity_poly.pdbx_strand_id   A,B
#
loop_
_chem_comp.id
_chem_comp.type
_chem_comp.name
_chem_comp.formula
CL non-polymer 'CHLORIDE ION' 'Cl -1'
#
# COMPACT_ATOMS: atom_id res chain seq x y z
N SER A 3 10.83 2.13 0.55
CA SER A 3 10.94 1.48 1.88
C SER A 3 12.38 0.99 2.07
N GLY A 4 13.21 1.66 2.89
CA GLY A 4 14.61 1.24 3.13
C GLY A 4 15.33 1.24 1.79
N ASN A 5 15.19 0.14 1.04
CA ASN A 5 15.77 -0.01 -0.28
C ASN A 5 14.80 -0.51 -1.32
N ALA A 6 13.54 -0.50 -0.98
CA ALA A 6 12.53 -1.00 -1.85
C ALA A 6 11.92 0.13 -2.62
N LYS A 7 11.99 0.07 -3.94
CA LYS A 7 11.42 1.14 -4.74
C LYS A 7 10.59 0.54 -5.86
N ILE A 8 9.41 1.08 -6.12
CA ILE A 8 8.57 0.56 -7.20
C ILE A 8 9.39 0.56 -8.50
N GLY A 9 9.16 -0.40 -9.38
CA GLY A 9 9.90 -0.49 -10.64
C GLY A 9 11.39 -0.88 -10.54
N HIS A 10 11.90 -1.16 -9.36
CA HIS A 10 13.29 -1.54 -9.25
C HIS A 10 13.36 -2.96 -8.64
N PRO A 11 14.46 -3.66 -8.86
CA PRO A 11 14.54 -5.01 -8.29
C PRO A 11 14.24 -4.97 -6.81
N ALA A 12 13.36 -5.89 -6.36
CA ALA A 12 12.99 -6.00 -4.97
C ALA A 12 14.22 -6.39 -4.21
N PRO A 13 14.48 -5.78 -3.04
CA PRO A 13 15.68 -6.14 -2.31
C PRO A 13 15.81 -7.66 -2.14
N SER A 14 17.00 -8.15 -2.41
CA SER A 14 17.22 -9.58 -2.32
C SER A 14 17.35 -10.06 -0.88
N PHE A 15 17.06 -11.31 -0.65
CA PHE A 15 17.24 -11.90 0.65
C PHE A 15 17.43 -13.39 0.47
N LYS A 16 18.21 -13.95 1.39
CA LYS A 16 18.47 -15.38 1.46
C LYS A 16 18.30 -15.67 2.97
N ALA A 17 17.25 -16.40 3.32
CA ALA A 17 17.01 -16.69 4.72
C ALA A 17 16.43 -18.10 4.88
N THR A 18 16.31 -18.55 6.11
CA THR A 18 15.76 -19.87 6.34
C THR A 18 14.24 -19.80 6.54
N ALA A 19 13.51 -20.67 5.85
CA ALA A 19 12.05 -20.72 5.92
C ALA A 19 11.57 -22.07 6.42
N VAL A 20 10.39 -22.07 7.01
CA VAL A 20 9.77 -23.27 7.47
C VAL A 20 8.82 -23.57 6.34
N MET A 21 9.15 -24.59 5.54
CA MET A 21 8.32 -24.98 4.39
C MET A 21 7.03 -25.70 4.80
N PRO A 22 6.01 -25.72 3.92
CA PRO A 22 4.77 -26.40 4.27
C PRO A 22 4.95 -27.86 4.70
N ASP A 23 5.89 -28.61 4.10
CA ASP A 23 6.13 -30.00 4.48
C ASP A 23 6.81 -30.15 5.84
N GLY A 24 7.25 -29.03 6.40
CA GLY A 24 7.88 -29.11 7.71
C GLY A 24 9.36 -28.90 7.71
N GLN A 25 10.00 -29.08 6.58
CA GLN A 25 11.44 -28.86 6.51
C GLN A 25 11.90 -27.38 6.62
N PHE A 26 13.13 -27.18 7.07
CA PHE A 26 13.75 -25.87 7.16
C PHE A 26 14.58 -25.85 5.91
N LYS A 27 14.38 -24.82 5.12
CA LYS A 27 15.11 -24.66 3.87
C LYS A 27 15.58 -23.21 3.73
N ASP A 28 16.82 -23.01 3.31
CA ASP A 28 17.30 -21.64 3.12
C ASP A 28 16.87 -21.27 1.71
N ILE A 29 15.98 -20.29 1.58
CA ILE A 29 15.49 -19.86 0.28
C ILE A 29 15.90 -18.40 -0.04
N SER A 30 15.98 -18.09 -1.34
CA SER A 30 16.32 -16.76 -1.82
C SER A 30 15.16 -16.26 -2.64
N LEU A 31 15.00 -14.94 -2.67
CA LEU A 31 13.92 -14.37 -3.47
C LEU A 31 14.16 -14.73 -4.95
N SER A 32 15.43 -14.79 -5.35
CA SER A 32 15.77 -15.12 -6.71
C SER A 32 15.30 -16.52 -7.16
N ASP A 33 15.10 -17.44 -6.22
CA ASP A 33 14.59 -18.77 -6.55
C ASP A 33 13.22 -18.65 -7.25
N TYR A 34 12.49 -17.58 -6.99
CA TYR A 34 11.18 -17.45 -7.59
C TYR A 34 11.10 -16.64 -8.85
N LYS A 35 12.25 -16.33 -9.41
CA LYS A 35 12.28 -15.64 -10.67
C LYS A 35 11.52 -16.58 -11.63
N GLY A 36 10.69 -16.03 -12.50
CA GLY A 36 9.91 -16.85 -13.41
C GLY A 36 8.47 -16.78 -13.00
N LYS A 37 8.23 -16.45 -11.74
CA LYS A 37 6.84 -16.33 -11.28
C LYS A 37 6.65 -15.17 -10.33
N TYR A 38 5.41 -14.79 -10.10
CA TYR A 38 5.12 -13.71 -9.18
C TYR A 38 5.32 -14.09 -7.73
N VAL A 39 5.54 -13.09 -6.89
CA VAL A 39 5.70 -13.33 -5.48
C VAL A 39 4.96 -12.26 -4.68
N VAL A 40 4.15 -12.72 -3.73
CA VAL A 40 3.43 -11.83 -2.84
C VAL A 40 4.16 -12.07 -1.54
N PHE A 41 5.02 -11.13 -1.21
CA PHE A 41 5.81 -11.21 0.00
C PHE A 41 5.12 -10.41 1.10
N PHE A 42 4.62 -11.09 2.12
CA PHE A 42 3.90 -10.45 3.23
C PHE A 42 4.66 -10.56 4.55
N PHE A 43 5.19 -9.43 4.98
CA PHE A 43 5.93 -9.31 6.22
C PHE A 43 4.93 -8.86 7.33
N TYR A 44 4.83 -9.62 8.42
CA TYR A 44 3.91 -9.24 9.47
C TYR A 44 4.75 -9.24 10.73
N PRO A 45 4.31 -8.56 11.79
CA PRO A 45 5.03 -8.45 13.07
C PRO A 45 5.46 -9.72 13.83
N LEU A 46 4.48 -10.54 14.20
CA LEU A 46 4.71 -11.77 14.95
C LEU A 46 3.66 -12.82 14.63
N ASP A 47 4.00 -14.06 14.88
CA ASP A 47 3.08 -15.18 14.68
C ASP A 47 2.01 -15.11 15.77
N PHE A 48 2.46 -14.93 17.00
CA PHE A 48 1.54 -14.83 18.12
C PHE A 48 0.69 -13.55 18.07
N THR A 49 -0.63 -13.69 18.06
CA THR A 49 -1.51 -12.55 18.07
C THR A 49 -2.50 -12.70 19.20
N PHE A 50 -3.00 -11.56 19.66
CA PHE A 50 -3.91 -11.47 20.78
C PHE A 50 -5.23 -10.89 20.28
N VAL A 51 -5.18 -9.82 19.49
CA VAL A 51 -6.38 -9.15 18.99
C VAL A 51 -7.06 -9.85 17.81
N CYS A 52 -6.38 -9.99 16.69
CA CYS A 52 -6.96 -10.68 15.51
C CYS A 52 -6.08 -11.87 15.11
N PRO A 53 -6.58 -12.71 14.19
CA PRO A 53 -5.77 -13.85 13.75
C PRO A 53 -4.56 -13.26 12.97
N THR A 54 -3.39 -13.87 13.08
CA THR A 54 -2.24 -13.39 12.33
C THR A 54 -2.67 -13.27 10.86
N GLU A 55 -2.42 -12.10 10.25
CA GLU A 55 -2.88 -11.85 8.89
C GLU A 55 -2.41 -12.78 7.78
N ILE A 56 -1.31 -13.45 8.01
CA ILE A 56 -0.72 -14.36 7.02
C ILE A 56 -1.57 -15.58 6.79
N ILE A 57 -2.36 -15.97 7.78
CA ILE A 57 -3.22 -17.15 7.68
C ILE A 57 -4.19 -17.10 6.51
N ALA A 58 -4.82 -15.96 6.29
CA ALA A 58 -5.79 -15.88 5.21
C ALA A 58 -5.18 -16.18 3.85
N PHE A 59 -3.87 -15.99 3.74
CA PHE A 59 -3.16 -16.26 2.51
C PHE A 59 -2.87 -17.74 2.38
N SER A 60 -2.50 -18.36 3.50
CA SER A 60 -2.24 -19.80 3.54
C SER A 60 -3.54 -20.50 3.11
N ASP A 61 -4.66 -20.09 3.68
CA ASP A 61 -5.95 -20.65 3.36
C ASP A 61 -6.31 -20.53 1.90
N ARG A 62 -5.86 -19.46 1.25
CA ARG A 62 -6.19 -19.29 -0.16
C ARG A 62 -4.99 -19.44 -1.11
N ALA A 63 -3.95 -20.10 -0.61
CA ALA A 63 -2.72 -20.36 -1.36
C ALA A 63 -2.91 -20.88 -2.77
N GLU A 64 -3.96 -21.65 -2.98
CA GLU A 64 -4.17 -22.19 -4.31
C GLU A 64 -4.57 -21.16 -5.34
N GLU A 65 -5.34 -20.15 -4.93
CA GLU A 65 -5.75 -19.12 -5.85
C GLU A 65 -4.53 -18.35 -6.35
N PHE A 66 -3.52 -18.21 -5.49
CA PHE A 66 -2.29 -17.54 -5.86
C PHE A 66 -1.50 -18.40 -6.83
N LYS A 67 -1.44 -19.71 -6.52
CA LYS A 67 -0.73 -20.71 -7.35
C LYS A 67 -1.33 -20.68 -8.75
N LYS A 68 -2.66 -20.59 -8.85
CA LYS A 68 -3.35 -20.53 -10.14
C LYS A 68 -2.87 -19.37 -10.99
N LEU A 69 -2.43 -18.29 -10.33
CA LEU A 69 -1.97 -17.08 -11.04
C LEU A 69 -0.46 -17.02 -11.11
N ASN A 70 0.19 -18.16 -11.17
CA ASN A 70 1.64 -18.21 -11.28
C ASN A 70 2.28 -17.34 -10.21
N CYS A 71 1.72 -17.37 -9.03
CA CYS A 71 2.22 -16.55 -7.94
C CYS A 71 2.44 -17.33 -6.67
N GLN A 72 3.60 -17.17 -6.09
CA GLN A 72 3.97 -17.82 -4.84
C GLN A 72 3.83 -16.84 -3.68
N VAL A 73 3.11 -17.20 -2.62
CA VAL A 73 3.00 -16.31 -1.48
C VAL A 73 4.07 -16.74 -0.50
N ILE A 74 4.81 -15.80 0.06
CA ILE A 74 5.85 -16.09 1.03
C ILE A 74 5.60 -15.19 2.24
N GLY A 75 5.47 -15.76 3.43
CA GLY A 75 5.26 -14.97 4.63
C GLY A 75 6.61 -14.67 5.28
N ALA A 76 6.64 -13.73 6.21
CA ALA A 76 7.89 -13.39 6.91
C ALA A 76 7.63 -12.59 8.20
N SER A 77 8.43 -12.82 9.22
CA SER A 77 8.28 -12.09 10.48
C SER A 77 9.62 -12.25 11.18
N VAL A 78 9.88 -11.48 12.22
CA VAL A 78 11.15 -11.59 12.92
C VAL A 78 11.26 -12.84 13.78
N ASP A 79 10.27 -13.72 13.69
CA ASP A 79 10.29 -14.97 14.43
C ASP A 79 11.45 -15.88 13.94
N SER A 80 12.07 -16.64 14.84
CA SER A 80 13.13 -17.56 14.40
C SER A 80 12.41 -18.76 13.77
N HIS A 81 13.12 -19.57 13.00
CA HIS A 81 12.52 -20.75 12.37
C HIS A 81 11.92 -21.71 13.43
N PHE A 82 12.51 -21.77 14.62
CA PHE A 82 11.92 -22.57 15.69
C PHE A 82 10.63 -21.90 16.16
N SER A 83 10.61 -20.58 16.41
CA SER A 83 9.36 -19.95 16.84
C SER A 83 8.28 -20.11 15.76
N HIS A 84 8.70 -20.06 14.51
CA HIS A 84 7.75 -20.24 13.40
C HIS A 84 7.05 -21.61 13.50
N LEU A 85 7.87 -22.65 13.62
CA LEU A 85 7.41 -24.04 13.71
C LEU A 85 6.51 -24.20 14.93
N ALA A 86 7.01 -23.68 16.05
CA ALA A 86 6.32 -23.70 17.32
C ALA A 86 4.93 -23.08 17.21
N TRP A 87 4.82 -21.98 16.45
CA TRP A 87 3.53 -21.29 16.30
C TRP A 87 2.63 -21.94 15.31
N ILE A 88 3.22 -22.60 14.33
CA ILE A 88 2.44 -23.34 13.32
C ILE A 88 1.82 -24.52 14.08
N ASN A 89 2.55 -25.08 15.05
CA ASN A 89 2.06 -26.18 15.93
C ASN A 89 1.31 -25.68 17.19
N THR A 90 0.64 -24.54 17.05
CA THR A 90 -0.13 -23.95 18.12
C THR A 90 -1.41 -23.59 17.41
N PRO A 91 -2.55 -24.10 17.90
CA PRO A 91 -3.83 -23.79 17.25
C PRO A 91 -4.17 -22.32 17.14
N LYS A 92 -4.81 -21.96 16.04
CA LYS A 92 -5.22 -20.59 15.79
C LYS A 92 -5.99 -19.97 16.98
N LYS A 93 -6.76 -20.78 17.70
CA LYS A 93 -7.52 -20.28 18.84
C LYS A 93 -6.68 -19.93 20.08
N GLN A 94 -5.43 -20.36 20.07
CA GLN A 94 -4.47 -20.06 21.15
C GLN A 94 -3.50 -18.93 20.65
N GLY A 95 -3.92 -18.25 19.57
CA GLY A 95 -3.17 -17.16 18.96
C GLY A 95 -2.11 -17.57 17.94
N GLY A 96 -2.01 -18.89 17.71
CA GLY A 96 -1.03 -19.44 16.80
C GLY A 96 -1.43 -19.36 15.35
N LEU A 97 -0.67 -20.06 14.50
CA LEU A 97 -0.94 -20.09 13.07
C LEU A 97 -1.71 -21.31 12.55
N GLY A 98 -1.42 -22.48 13.14
CA GLY A 98 -2.05 -23.71 12.69
C GLY A 98 -1.24 -24.10 11.47
N PRO A 99 -1.49 -25.29 10.88
CA PRO A 99 -0.77 -25.76 9.67
C PRO A 99 -0.71 -24.61 8.66
N MET A 100 0.36 -24.58 7.86
CA MET A 100 0.58 -23.54 6.83
C MET A 100 0.80 -24.20 5.46
N ASN A 101 0.28 -23.55 4.41
CA ASN A 101 0.43 -24.01 3.06
C ASN A 101 1.46 -23.23 2.26
N ILE A 102 2.13 -22.26 2.90
CA ILE A 102 3.14 -21.44 2.25
C ILE A 102 4.38 -21.35 3.15
N PRO A 103 5.53 -21.03 2.56
CA PRO A 103 6.73 -20.92 3.36
C PRO A 103 6.69 -19.67 4.23
N LEU A 104 7.30 -19.77 5.40
CA LEU A 104 7.40 -18.63 6.32
C LEU A 104 8.86 -18.28 6.53
N VAL A 105 9.28 -17.11 6.05
CA VAL A 105 10.67 -16.67 6.23
C VAL A 105 10.92 -16.16 7.64
N SER A 106 12.13 -16.41 8.14
CA SER A 106 12.56 -15.99 9.46
C SER A 106 13.57 -14.84 9.36
N ASP A 107 13.33 -13.78 10.14
CA ASP A 107 14.21 -12.60 10.14
C ASP A 107 14.54 -12.18 11.58
N PRO A 108 15.17 -13.06 12.37
CA PRO A 108 15.47 -12.70 13.74
C PRO A 108 16.58 -11.66 13.84
N LYS A 109 17.36 -11.50 12.76
CA LYS A 109 18.43 -10.49 12.75
C LYS A 109 17.86 -9.16 12.28
N ARG A 110 16.60 -9.16 11.81
CA ARG A 110 15.93 -7.95 11.35
C ARG A 110 16.53 -7.29 10.10
N THR A 111 17.43 -8.00 9.42
CA THR A 111 18.03 -7.45 8.22
C THR A 111 17.04 -7.32 7.08
N ILE A 112 16.13 -8.27 6.91
CA ILE A 112 15.15 -8.17 5.83
C ILE A 112 14.12 -7.07 6.10
N ALA A 113 13.67 -6.97 7.35
CA ALA A 113 12.71 -5.95 7.75
C ALA A 113 13.30 -4.60 7.39
N GLN A 114 14.61 -4.46 7.61
CA GLN A 114 15.28 -3.22 7.29
C GLN A 114 15.29 -2.95 5.79
N ASP A 115 15.79 -3.87 5.00
CA ASP A 115 15.84 -3.64 3.56
C ASP A 115 14.50 -3.33 2.98
N TYR A 116 13.44 -3.76 3.64
CA TYR A 116 12.10 -3.50 3.14
C TYR A 116 11.45 -2.30 3.85
N GLY A 117 12.21 -1.67 4.73
CA GLY A 117 11.72 -0.51 5.46
C GLY A 117 10.49 -0.73 6.32
N VAL A 118 10.32 -1.91 6.89
CA VAL A 118 9.13 -2.12 7.69
C VAL A 118 9.44 -2.30 9.14
N LEU A 119 10.67 -2.03 9.52
CA LEU A 119 11.05 -2.14 10.90
C LEU A 119 10.55 -0.93 11.70
N LYS A 120 9.92 -1.19 12.85
CA LYS A 120 9.44 -0.13 13.71
C LYS A 120 10.63 0.62 14.30
N ALA A 121 10.42 1.93 14.56
CA ALA A 121 11.48 2.82 15.09
C ALA A 121 12.03 2.54 16.49
N ASP A 122 11.09 2.28 17.41
CA ASP A 122 11.41 2.04 18.83
C ASP A 122 11.72 0.60 19.19
N GLU A 123 10.94 -0.33 18.66
CA GLU A 123 11.14 -1.76 18.95
C GLU A 123 11.51 -2.56 17.70
N GLY A 124 11.98 -3.78 17.98
CA GLY A 124 12.42 -4.66 16.93
C GLY A 124 11.41 -5.52 16.20
N ILE A 125 10.19 -5.05 15.96
CA ILE A 125 9.28 -5.86 15.21
C ILE A 125 8.78 -5.01 14.05
N SER A 126 8.29 -5.63 13.00
CA SER A 126 7.84 -4.90 11.85
C SER A 126 6.40 -4.45 11.87
N PHE A 127 6.03 -3.70 10.83
CA PHE A 127 4.66 -3.26 10.62
C PHE A 127 4.12 -4.41 9.73
N ARG A 128 2.98 -4.22 9.07
CA ARG A 128 2.46 -5.21 8.14
C ARG A 128 2.78 -4.72 6.72
N GLY A 129 3.77 -5.33 6.08
CA GLY A 129 4.17 -4.95 4.73
C GLY A 129 3.93 -5.98 3.64
N LEU A 130 3.14 -5.59 2.66
CA LEU A 130 2.85 -6.43 1.55
C LEU A 130 3.57 -5.92 0.32
N PHE A 131 4.33 -6.78 -0.33
CA PHE A 131 5.08 -6.41 -1.51
C PHE A 131 4.77 -7.34 -2.68
N ILE A 132 4.25 -6.84 -3.80
CA ILE A 132 3.99 -7.69 -4.96
C ILE A 132 5.17 -7.55 -5.91
N ILE A 133 5.85 -8.66 -6.16
CA ILE A 133 7.05 -8.72 -6.99
C ILE A 133 6.72 -9.48 -8.28
N ASP A 134 7.19 -9.02 -9.43
CA ASP A 134 6.86 -9.72 -10.67
C ASP A 134 7.80 -10.85 -11.02
N ASP A 135 7.51 -11.50 -12.16
CA ASP A 135 8.31 -12.66 -12.63
C ASP A 135 9.75 -12.33 -12.92
N LYS A 136 10.03 -11.05 -13.09
CA LYS A 136 11.40 -10.64 -13.36
C LYS A 136 12.06 -10.13 -12.11
N GLY A 137 11.37 -10.21 -10.97
CA GLY A 137 11.94 -9.78 -9.70
C GLY A 137 11.84 -8.29 -9.39
N ILE A 138 10.95 -7.62 -10.10
CA ILE A 138 10.74 -6.19 -9.95
C ILE A 138 9.62 -5.88 -9.01
N LEU A 139 9.91 -5.02 -8.03
CA LEU A 139 8.91 -4.62 -7.04
C LEU A 139 7.85 -3.77 -7.69
N ARG A 140 6.60 -4.20 -7.58
CA ARG A 140 5.45 -3.52 -8.18
C ARG A 140 4.39 -2.88 -7.28
N GLN A 141 4.38 -3.25 -6.02
CA GLN A 141 3.42 -2.74 -5.06
C GLN A 141 4.05 -2.73 -3.70
N ILE A 142 3.81 -1.68 -2.95
CA ILE A 142 4.32 -1.56 -1.60
C ILE A 142 3.14 -1.07 -0.84
N THR A 143 2.82 -1.73 0.26
CA THR A 143 1.70 -1.29 1.07
C THR A 143 1.98 -1.65 2.52
N ILE A 144 2.05 -0.61 3.35
CA ILE A 144 2.39 -0.70 4.77
C ILE A 144 1.33 -0.08 5.67
N ASN A 145 1.08 -0.73 6.79
CA ASN A 145 0.13 -0.26 7.79
C ASN A 145 0.31 -1.10 9.05
N ASP A 146 -0.28 -0.68 10.16
CA ASP A 146 -0.15 -1.40 11.42
C ASP A 146 -1.55 -1.91 11.87
N LEU A 147 -2.38 -2.17 10.87
CA LEU A 147 -3.73 -2.61 11.10
C LEU A 147 -3.79 -4.14 10.95
N PRO A 148 -4.36 -4.85 11.94
CA PRO A 148 -4.47 -6.32 11.89
C PRO A 148 -5.54 -6.83 10.93
N VAL A 149 -5.95 -5.95 10.02
CA VAL A 149 -6.94 -6.29 9.00
C VAL A 149 -6.72 -5.45 7.76
N GLY A 150 -5.52 -4.90 7.58
CA GLY A 150 -5.28 -4.09 6.40
C GLY A 150 -5.39 -4.80 5.07
N ARG A 151 -4.75 -5.96 4.96
CA ARG A 151 -4.74 -6.72 3.72
C ARG A 151 -6.10 -7.37 3.39
N SER A 152 -6.44 -7.38 2.11
CA SER A 152 -7.65 -8.04 1.66
C SER A 152 -7.21 -9.03 0.58
N VAL A 153 -7.27 -10.35 0.85
CA VAL A 153 -6.85 -11.35 -0.14
C VAL A 153 -7.47 -11.21 -1.55
N ASP A 154 -8.71 -10.77 -1.67
CA ASP A 154 -9.35 -10.58 -2.98
C ASP A 154 -8.71 -9.40 -3.69
N GLU A 155 -8.41 -8.36 -2.91
CA GLU A 155 -7.83 -7.13 -3.46
C GLU A 155 -6.44 -7.43 -4.00
N ILE A 156 -5.70 -8.25 -3.26
CA ILE A 156 -4.36 -8.62 -3.68
C ILE A 156 -4.40 -9.51 -4.92
N LEU A 157 -5.36 -10.40 -4.97
CA LEU A 157 -5.51 -11.29 -6.12
C LEU A 157 -5.81 -10.42 -7.34
N ARG A 158 -6.70 -9.44 -7.17
CA ARG A 158 -7.06 -8.54 -8.27
C ARG A 158 -5.84 -7.75 -8.73
N LEU A 159 -5.03 -7.31 -7.77
CA LEU A 159 -3.81 -6.59 -8.14
C LEU A 159 -2.89 -7.44 -8.97
N VAL A 160 -2.58 -8.67 -8.55
CA VAL A 160 -1.68 -9.53 -9.32
C VAL A 160 -2.21 -9.69 -10.73
N GLN A 161 -3.52 -9.84 -10.87
CA GLN A 161 -4.08 -9.99 -12.19
C GLN A 161 -3.85 -8.73 -13.01
N ALA A 162 -4.00 -7.58 -12.38
CA ALA A 162 -3.78 -6.34 -13.08
C ALA A 162 -2.33 -6.22 -13.54
N PHE A 163 -1.39 -6.54 -12.65
CA PHE A 163 0.02 -6.48 -13.02
C PHE A 163 0.36 -7.42 -14.20
N GLN A 164 -0.21 -8.61 -14.18
CA GLN A 164 0.02 -9.55 -15.27
C GLN A 164 -0.59 -9.02 -16.56
N PHE A 165 -1.84 -8.59 -16.50
CA PHE A 165 -2.48 -8.02 -17.69
C PHE A 165 -1.57 -6.94 -18.28
N THR A 166 -1.24 -5.95 -17.46
CA THR A 166 -0.36 -4.84 -17.86
C THR A 166 0.88 -5.38 -18.57
N ASP A 167 1.53 -6.36 -17.96
CA ASP A 167 2.70 -7.03 -18.56
C ASP A 167 2.38 -7.50 -19.98
N LYS A 168 1.21 -8.15 -20.13
CA LYS A 168 0.83 -8.69 -21.43
C LYS A 168 0.17 -7.74 -22.41
N HIS A 169 0.01 -6.47 -22.04
CA HIS A 169 -0.58 -5.46 -22.95
C HIS A 169 0.23 -4.18 -22.65
N GLY A 170 -0.32 -3.23 -21.88
CA GLY A 170 0.48 -2.03 -21.55
C GLY A 170 0.11 -0.67 -22.14
N GLU A 171 -0.41 -0.69 -23.36
CA GLU A 171 -0.90 0.52 -24.05
C GLU A 171 -2.41 0.41 -23.86
N VAL A 172 -2.87 -0.63 -23.14
CA VAL A 172 -4.32 -0.80 -22.99
C VAL A 172 -4.77 -0.80 -21.52
N CYS A 173 -5.81 -0.03 -21.28
CA CYS A 173 -6.32 0.13 -19.93
C CYS A 173 -6.74 -1.20 -19.34
N PRO A 174 -6.24 -1.54 -18.12
CA PRO A 174 -6.73 -2.83 -17.61
C PRO A 174 -8.24 -2.73 -17.28
N ALA A 175 -8.95 -1.92 -18.10
CA ALA A 175 -10.39 -1.57 -18.07
C ALA A 175 -11.14 -2.18 -16.91
N SER B 3 9.00 5.90 3.34
CA SER B 3 9.08 6.58 2.01
C SER B 3 9.44 8.08 2.28
N GLY B 4 10.62 8.54 1.81
CA GLY B 4 11.11 9.93 2.02
C GLY B 4 11.15 10.16 3.51
N ASN B 5 10.03 10.62 4.08
CA ASN B 5 9.92 10.83 5.52
C ASN B 5 8.64 10.27 6.09
N ALA B 6 7.80 9.76 5.23
CA ALA B 6 6.55 9.19 5.64
C ALA B 6 6.79 7.85 6.38
N LYS B 7 6.22 7.72 7.56
CA LYS B 7 6.38 6.50 8.33
C LYS B 7 5.11 6.26 9.09
N ILE B 8 4.65 5.03 9.00
CA ILE B 8 3.39 4.64 9.62
C ILE B 8 3.47 4.90 11.11
N GLY B 9 2.36 5.36 11.67
CA GLY B 9 2.30 5.65 13.09
C GLY B 9 2.93 6.95 13.53
N HIS B 10 3.54 7.68 12.60
CA HIS B 10 4.16 8.96 12.85
C HIS B 10 3.40 10.06 12.13
N PRO B 11 3.59 11.30 12.58
CA PRO B 11 2.86 12.37 11.89
C PRO B 11 3.18 12.36 10.41
N ALA B 12 2.15 12.43 9.59
CA ALA B 12 2.30 12.43 8.14
C ALA B 12 3.08 13.68 7.77
N PRO B 13 4.03 13.61 6.82
CA PRO B 13 4.77 14.85 6.50
C PRO B 13 3.84 16.01 6.19
N SER B 14 4.14 17.18 6.75
CA SER B 14 3.31 18.37 6.56
C SER B 14 3.57 19.00 5.24
N PHE B 15 2.56 19.70 4.73
CA PHE B 15 2.69 20.43 3.49
C PHE B 15 1.73 21.59 3.53
N LYS B 16 2.10 22.62 2.79
CA LYS B 16 1.29 23.83 2.62
C LYS B 16 1.47 24.10 1.13
N ALA B 17 0.41 24.04 0.37
CA ALA B 17 0.54 24.23 -1.03
C ALA B 17 -0.73 24.79 -1.54
N THR B 18 -0.71 25.24 -2.78
CA THR B 18 -1.91 25.79 -3.38
C THR B 18 -2.70 24.68 -4.07
N ALA B 19 -4.01 24.68 -3.83
CA ALA B 19 -4.94 23.72 -4.39
C ALA B 19 -6.06 24.38 -5.17
N VAL B 20 -6.52 23.71 -6.21
CA VAL B 20 -7.66 24.23 -6.97
C VAL B 20 -8.84 23.60 -6.25
N MET B 21 -9.63 24.43 -5.57
CA MET B 21 -10.78 23.95 -4.83
C MET B 21 -11.95 23.58 -5.75
N PRO B 22 -12.96 22.87 -5.22
CA PRO B 22 -14.11 22.46 -6.05
C PRO B 22 -14.83 23.64 -6.72
N ASP B 23 -15.01 24.73 -5.95
CA ASP B 23 -15.71 25.96 -6.44
C ASP B 23 -14.94 26.66 -7.53
N GLY B 24 -13.68 26.30 -7.69
CA GLY B 24 -12.86 26.92 -8.71
C GLY B 24 -11.76 27.83 -8.21
N GLN B 25 -11.84 28.31 -6.96
CA GLN B 25 -10.82 29.18 -6.38
C GLN B 25 -9.50 28.47 -6.10
N PHE B 26 -8.41 29.23 -6.09
CA PHE B 26 -7.08 28.74 -5.74
C PHE B 26 -6.98 29.14 -4.26
N LYS B 27 -6.55 28.20 -3.43
CA LYS B 27 -6.41 28.43 -2.01
C LYS B 27 -5.20 27.67 -1.51
N ASP B 28 -4.38 28.31 -0.68
CA ASP B 28 -3.21 27.64 -0.13
C ASP B 28 -3.78 26.84 1.02
N ILE B 29 -3.57 25.52 1.01
CA ILE B 29 -4.08 24.68 2.09
C ILE B 29 -2.94 23.93 2.74
N SER B 30 -3.13 23.56 3.99
CA SER B 30 -2.13 22.82 4.74
C SER B 30 -2.78 21.54 5.23
N LEU B 31 -1.99 20.50 5.39
CA LEU B 31 -2.49 19.23 5.87
C LEU B 31 -3.08 19.42 7.28
N SER B 32 -2.46 20.26 8.11
CA SER B 32 -2.97 20.50 9.46
C SER B 32 -4.39 21.08 9.45
N ASP B 33 -4.79 21.76 8.39
CA ASP B 33 -6.13 22.32 8.37
C ASP B 33 -7.14 21.21 8.61
N TYR B 34 -6.80 20.00 8.19
CA TYR B 34 -7.74 18.89 8.32
C TYR B 34 -7.70 18.10 9.62
N LYS B 35 -6.89 18.57 10.55
CA LYS B 35 -6.79 17.95 11.84
C LYS B 35 -8.22 17.91 12.36
N GLY B 36 -8.62 16.77 12.94
CA GLY B 36 -9.98 16.64 13.43
C GLY B 36 -10.75 15.65 12.56
N LYS B 37 -10.34 15.47 11.32
CA LYS B 37 -10.99 14.51 10.45
C LYS B 37 -9.92 13.66 9.73
N TYR B 38 -10.39 12.65 9.03
CA TYR B 38 -9.48 11.77 8.29
C TYR B 38 -9.12 12.35 6.92
N VAL B 39 -7.95 11.97 6.42
CA VAL B 39 -7.59 12.45 5.11
C VAL B 39 -7.09 11.30 4.20
N VAL B 40 -7.63 11.23 2.99
CA VAL B 40 -7.17 10.24 2.05
C VAL B 40 -6.40 11.10 1.09
N PHE B 41 -5.09 11.04 1.18
CA PHE B 41 -4.18 11.80 0.32
C PHE B 41 -3.70 10.92 -0.85
N PHE B 42 -4.15 11.27 -2.07
CA PHE B 42 -3.81 10.51 -3.25
C PHE B 42 -2.97 11.30 -4.24
N PHE B 43 -1.72 10.93 -4.31
CA PHE B 43 -0.78 11.54 -5.19
C PHE B 43 -0.68 10.70 -6.47
N TYR B 44 -1.02 11.27 -7.62
CA TYR B 44 -0.93 10.56 -8.89
C TYR B 44 0.07 11.36 -9.77
N PRO B 45 0.61 10.73 -10.84
CA PRO B 45 1.60 11.40 -11.71
C PRO B 45 1.24 12.70 -12.47
N LEU B 46 0.18 12.64 -13.26
CA LEU B 46 -0.25 13.76 -14.07
C LEU B 46 -1.74 13.70 -14.26
N ASP B 47 -2.34 14.85 -14.53
CA ASP B 47 -3.78 14.89 -14.78
C ASP B 47 -4.03 14.29 -16.16
N PHE B 48 -3.16 14.62 -17.11
CA PHE B 48 -3.32 14.07 -18.44
C PHE B 48 -2.98 12.59 -18.51
N THR B 49 -3.94 11.81 -19.01
CA THR B 49 -3.71 10.38 -19.17
C THR B 49 -4.06 9.96 -20.57
N PHE B 50 -3.38 8.91 -21.00
CA PHE B 50 -3.52 8.35 -22.33
C PHE B 50 -4.21 6.95 -22.21
N VAL B 51 -3.64 6.09 -21.36
CA VAL B 51 -4.11 4.73 -21.16
C VAL B 51 -5.44 4.59 -20.40
N CYS B 52 -5.47 4.94 -19.12
CA CYS B 52 -6.71 4.82 -18.36
C CYS B 52 -7.12 6.20 -17.85
N PRO B 53 -8.37 6.35 -17.34
CA PRO B 53 -8.78 7.66 -16.81
C PRO B 53 -7.84 7.96 -15.63
N THR B 54 -7.55 9.22 -15.36
CA THR B 54 -6.70 9.55 -14.21
C THR B 54 -7.41 8.97 -12.98
N GLU B 55 -6.67 8.21 -12.20
CA GLU B 55 -7.24 7.53 -11.05
C GLU B 55 -7.96 8.38 -10.01
N ILE B 56 -7.63 9.68 -9.93
CA ILE B 56 -8.25 10.57 -8.93
C ILE B 56 -9.73 10.79 -9.21
N ILE B 57 -10.13 10.60 -10.46
CA ILE B 57 -11.54 10.80 -10.80
C ILE B 57 -12.53 9.93 -10.03
N ALA B 58 -12.16 8.68 -9.76
CA ALA B 58 -13.07 7.79 -9.06
C ALA B 58 -13.38 8.28 -7.66
N PHE B 59 -12.40 8.96 -7.06
CA PHE B 59 -12.54 9.52 -5.71
C PHE B 59 -13.41 10.77 -5.68
N SER B 60 -13.29 11.58 -6.74
CA SER B 60 -14.09 12.79 -6.87
C SER B 60 -15.54 12.37 -6.97
N ASP B 61 -15.79 11.41 -7.88
CA ASP B 61 -17.14 10.89 -8.12
C ASP B 61 -17.74 10.37 -6.83
N ARG B 62 -16.95 9.71 -6.00
CA ARG B 62 -17.52 9.15 -4.77
C ARG B 62 -17.17 9.89 -3.50
N ALA B 63 -16.79 11.16 -3.67
CA ALA B 63 -16.39 12.07 -2.57
C ALA B 63 -17.34 12.12 -1.38
N GLU B 64 -18.63 12.04 -1.65
CA GLU B 64 -19.62 12.08 -0.57
C GLU B 64 -19.52 10.90 0.41
N GLU B 65 -19.12 9.71 -0.08
CA GLU B 65 -18.98 8.53 0.79
C GLU B 65 -17.83 8.72 1.79
N PHE B 66 -16.78 9.41 1.36
CA PHE B 66 -15.68 9.69 2.26
C PHE B 66 -16.19 10.77 3.23
N LYS B 67 -16.94 11.74 2.72
CA LYS B 67 -17.48 12.81 3.54
C LYS B 67 -18.27 12.20 4.68
N LYS B 68 -19.11 11.20 4.35
CA LYS B 68 -19.95 10.51 5.36
C LYS B 68 -19.12 9.90 6.46
N LEU B 69 -17.88 9.55 6.13
CA LEU B 69 -17.00 8.94 7.12
C LEU B 69 -16.03 9.91 7.76
N ASN B 70 -16.42 11.19 7.84
CA ASN B 70 -15.56 12.22 8.44
C ASN B 70 -14.15 12.17 7.83
N CYS B 71 -14.12 12.09 6.50
CA CYS B 71 -12.87 11.99 5.77
C CYS B 71 -12.82 12.88 4.53
N GLN B 72 -11.73 13.62 4.41
CA GLN B 72 -11.55 14.50 3.29
C GLN B 72 -10.57 13.90 2.32
N VAL B 73 -10.95 13.87 1.05
CA VAL B 73 -10.04 13.34 0.08
C VAL B 73 -9.32 14.53 -0.54
N ILE B 74 -8.01 14.41 -0.71
CA ILE B 74 -7.22 15.45 -1.31
C ILE B 74 -6.37 14.80 -2.38
N GLY B 75 -6.48 15.27 -3.62
CA GLY B 75 -5.66 14.74 -4.68
C GLY B 75 -4.41 15.60 -4.81
N ALA B 76 -3.40 15.16 -5.56
CA ALA B 76 -2.17 15.91 -5.74
C ALA B 76 -1.30 15.39 -6.85
N SER B 77 -0.67 16.28 -7.60
CA SER B 77 0.21 15.85 -8.68
C SER B 77 1.19 16.99 -8.89
N VAL B 78 2.22 16.78 -9.69
CA VAL B 78 3.18 17.80 -9.97
C VAL B 78 2.63 18.85 -10.93
N ASP B 79 1.37 18.78 -11.28
CA ASP B 79 0.80 19.79 -12.15
C ASP B 79 0.70 21.13 -11.40
N SER B 80 0.91 22.25 -12.11
CA SER B 80 0.80 23.58 -11.49
C SER B 80 -0.67 23.85 -11.33
N HIS B 81 -1.03 24.85 -10.52
CA HIS B 81 -2.44 25.18 -10.29
C HIS B 81 -3.12 25.63 -11.58
N PHE B 82 -2.35 26.09 -12.55
CA PHE B 82 -2.94 26.45 -13.85
C PHE B 82 -3.21 25.18 -14.67
N SER B 83 -2.24 24.23 -14.70
CA SER B 83 -2.46 22.99 -15.42
C SER B 83 -3.64 22.21 -14.83
N HIS B 84 -3.75 22.24 -13.49
CA HIS B 84 -4.86 21.57 -12.81
C HIS B 84 -6.19 22.11 -13.30
N LEU B 85 -6.36 23.43 -13.25
CA LEU B 85 -7.58 24.09 -13.70
C LEU B 85 -7.87 23.87 -15.20
N ALA B 86 -6.81 23.85 -16.00
CA ALA B 86 -6.88 23.62 -17.43
C ALA B 86 -7.41 22.18 -17.66
N TRP B 87 -6.86 21.20 -16.93
CA TRP B 87 -7.25 19.81 -17.08
C TRP B 87 -8.60 19.51 -16.48
N ILE B 88 -9.01 20.28 -15.49
CA ILE B 88 -10.33 20.10 -14.92
C ILE B 88 -11.30 20.57 -15.97
N ASN B 89 -10.89 21.59 -16.74
CA ASN B 89 -11.71 22.12 -17.82
C ASN B 89 -11.45 21.47 -19.19
N THR B 90 -11.06 20.20 -19.16
CA THR B 90 -10.84 19.41 -20.36
C THR B 90 -11.66 18.18 -20.02
N PRO B 91 -12.63 17.80 -20.91
CA PRO B 91 -13.48 16.61 -20.68
C PRO B 91 -12.65 15.32 -20.56
N LYS B 92 -13.08 14.45 -19.64
CA LYS B 92 -12.42 13.15 -19.40
C LYS B 92 -12.10 12.39 -20.69
N LYS B 93 -12.97 12.49 -21.68
CA LYS B 93 -12.75 11.84 -22.98
C LYS B 93 -11.56 12.38 -23.82
N GLN B 94 -10.97 13.49 -23.36
CA GLN B 94 -9.79 14.11 -24.02
C GLN B 94 -8.54 13.90 -23.15
N GLY B 95 -8.66 13.01 -22.16
CA GLY B 95 -7.54 12.73 -21.26
C GLY B 95 -7.54 13.63 -20.03
N GLY B 96 -8.56 14.51 -19.96
CA GLY B 96 -8.74 15.47 -18.87
C GLY B 96 -9.45 14.89 -17.65
N LEU B 97 -9.74 15.77 -16.68
CA LEU B 97 -10.39 15.34 -15.44
C LEU B 97 -11.88 15.60 -15.34
N GLY B 98 -12.34 16.68 -15.96
CA GLY B 98 -13.74 17.04 -15.85
C GLY B 98 -13.97 17.66 -14.49
N PRO B 99 -15.16 18.20 -14.19
CA PRO B 99 -15.43 18.83 -12.88
C PRO B 99 -14.88 17.95 -11.76
N MET B 100 -14.50 18.54 -10.62
CA MET B 100 -13.96 17.83 -9.46
C MET B 100 -14.68 18.23 -8.21
N ASN B 101 -14.84 17.30 -7.29
CA ASN B 101 -15.51 17.61 -6.03
C ASN B 101 -14.56 17.66 -4.90
N ILE B 102 -13.30 17.47 -5.21
CA ILE B 102 -12.31 17.53 -4.15
C ILE B 102 -11.16 18.46 -4.54
N PRO B 103 -10.39 18.96 -3.55
CA PRO B 103 -9.28 19.84 -3.85
C PRO B 103 -8.13 19.09 -4.47
N LEU B 104 -7.47 19.71 -5.44
CA LEU B 104 -6.30 19.12 -6.08
C LEU B 104 -5.03 19.95 -5.77
N VAL B 105 -4.10 19.35 -5.02
CA VAL B 105 -2.87 20.03 -4.67
C VAL B 105 -1.86 20.03 -5.80
N SER B 106 -1.12 21.13 -5.92
CA SER B 106 -0.09 21.33 -6.93
C SER B 106 1.28 21.13 -6.33
N ASP B 107 2.13 20.40 -7.01
CA ASP B 107 3.47 20.16 -6.51
C ASP B 107 4.53 20.33 -7.62
N PRO B 108 4.48 21.47 -8.34
CA PRO B 108 5.46 21.68 -9.40
C PRO B 108 6.90 21.73 -8.91
N LYS B 109 7.11 21.98 -7.62
CA LYS B 109 8.47 22.00 -7.10
C LYS B 109 8.87 20.57 -6.65
N ARG B 110 7.92 19.63 -6.67
CA ARG B 110 8.17 18.24 -6.31
C ARG B 110 8.59 18.02 -4.86
N THR B 111 8.36 19.02 -4.03
CA THR B 111 8.79 18.87 -2.66
C THR B 111 7.89 17.92 -1.89
N ILE B 112 6.59 17.97 -2.18
CA ILE B 112 5.67 17.07 -1.51
C ILE B 112 5.94 15.64 -1.99
N ALA B 113 6.17 15.50 -3.29
CA ALA B 113 6.45 14.22 -3.87
C ALA B 113 7.62 13.63 -3.13
N GLN B 114 8.63 14.44 -2.85
CA GLN B 114 9.79 13.96 -2.12
C GLN B 114 9.52 13.58 -0.66
N ASP B 115 8.87 14.45 0.12
CA ASP B 115 8.62 14.08 1.51
C ASP B 115 7.81 12.82 1.61
N TYR B 116 6.98 12.54 0.62
CA TYR B 116 6.15 11.36 0.64
C TYR B 116 6.78 10.16 -0.08
N GLY B 117 8.03 10.31 -0.49
CA GLY B 117 8.72 9.25 -1.18
C GLY B 117 8.10 8.69 -2.44
N VAL B 118 7.34 9.47 -3.20
CA VAL B 118 6.74 8.93 -4.40
C VAL B 118 7.29 9.48 -5.72
N LEU B 119 8.44 10.15 -5.64
CA LEU B 119 9.07 10.72 -6.82
C LEU B 119 9.81 9.64 -7.61
N LYS B 120 9.69 9.64 -8.93
CA LYS B 120 10.46 8.68 -9.67
C LYS B 120 11.96 9.04 -9.62
N ALA B 121 12.82 8.04 -9.81
CA ALA B 121 14.28 8.24 -9.77
C ALA B 121 14.91 9.02 -10.96
N ASP B 122 14.50 8.64 -12.18
CA ASP B 122 14.99 9.19 -13.44
C ASP B 122 14.29 10.48 -13.86
N GLU B 123 12.97 10.52 -13.72
CA GLU B 123 12.19 11.68 -14.10
C GLU B 123 11.43 12.34 -12.90
N GLY B 124 10.93 13.54 -13.18
CA GLY B 124 10.25 14.29 -12.17
C GLY B 124 8.79 14.10 -11.99
N ILE B 125 8.24 12.91 -12.18
CA ILE B 125 6.82 12.76 -11.89
C ILE B 125 6.71 11.66 -10.85
N SER B 126 5.57 11.57 -10.20
CA SER B 126 5.45 10.57 -9.18
C SER B 126 4.83 9.24 -9.63
N PHE B 127 4.79 8.32 -8.67
CA PHE B 127 4.17 7.01 -8.79
C PHE B 127 2.75 7.31 -8.33
N ARG B 128 1.96 6.30 -8.03
CA ARG B 128 0.62 6.54 -7.52
C ARG B 128 0.72 6.21 -6.04
N GLY B 129 0.69 7.25 -5.19
CA GLY B 129 0.80 7.07 -3.74
C GLY B 129 -0.45 7.41 -2.97
N LEU B 130 -0.99 6.47 -2.22
CA LEU B 130 -2.18 6.72 -1.45
C LEU B 130 -1.79 6.67 0.01
N PHE B 131 -2.19 7.70 0.74
CA PHE B 131 -1.86 7.77 2.15
C PHE B 131 -3.12 8.03 2.94
N ILE B 132 -3.39 7.24 3.96
CA ILE B 132 -4.56 7.49 4.80
C ILE B 132 -4.00 8.06 6.10
N ILE B 133 -4.49 9.24 6.42
CA ILE B 133 -4.03 9.97 7.60
C ILE B 133 -5.19 10.12 8.54
N ASP B 134 -4.98 9.86 9.84
CA ASP B 134 -6.08 9.98 10.80
C ASP B 134 -6.43 11.40 11.30
N ASP B 135 -7.44 11.50 12.15
CA ASP B 135 -7.90 12.77 12.68
C ASP B 135 -6.87 13.47 13.54
N LYS B 136 -5.80 12.77 13.89
CA LYS B 136 -4.75 13.34 14.68
C LYS B 136 -3.54 13.63 13.82
N GLY B 137 -3.67 13.41 12.50
CA GLY B 137 -2.56 13.68 11.59
C GLY B 137 -1.50 12.60 11.49
N ILE B 138 -1.81 11.43 12.07
CA ILE B 138 -0.89 10.31 12.05
C ILE B 138 -1.06 9.48 10.77
N LEU B 139 0.07 9.18 10.13
CA LEU B 139 0.06 8.39 8.90
C LEU B 139 -0.29 6.93 9.26
N ARG B 140 -1.34 6.40 8.64
CA ARG B 140 -1.83 5.07 8.90
C ARG B 140 -1.71 4.00 7.81
N GLN B 141 -1.60 4.42 6.56
CA GLN B 141 -1.53 3.53 5.43
C GLN B 141 -0.65 4.17 4.38
N ILE B 142 0.23 3.39 3.77
CA ILE B 142 1.10 3.89 2.70
C ILE B 142 0.93 2.84 1.61
N THR B 143 0.59 3.24 0.41
CA THR B 143 0.47 2.28 -0.67
C THR B 143 0.87 2.90 -1.99
N ILE B 144 1.97 2.38 -2.54
CA ILE B 144 2.56 2.88 -3.77
C ILE B 144 2.66 1.82 -4.86
N ASN B 145 2.46 2.22 -6.10
CA ASN B 145 2.56 1.33 -7.28
C ASN B 145 2.52 2.24 -8.54
N ASP B 146 2.81 1.72 -9.71
CA ASP B 146 2.77 2.52 -10.91
C ASP B 146 1.71 1.98 -11.84
N LEU B 147 0.61 1.55 -11.26
CA LEU B 147 -0.47 0.97 -12.03
C LEU B 147 -1.60 1.96 -12.15
N PRO B 148 -2.19 2.13 -13.35
CA PRO B 148 -3.30 3.08 -13.52
C PRO B 148 -4.65 2.55 -13.07
N VAL B 149 -4.60 1.53 -12.20
CA VAL B 149 -5.81 0.92 -11.63
C VAL B 149 -5.53 0.37 -10.22
N GLY B 150 -4.34 0.64 -9.69
CA GLY B 150 -4.00 0.13 -8.37
C GLY B 150 -5.01 0.40 -7.25
N ARG B 151 -5.57 1.60 -7.22
CA ARG B 151 -6.49 1.94 -6.14
C ARG B 151 -7.92 1.42 -6.35
N SER B 152 -8.58 1.00 -5.28
CA SER B 152 -9.96 0.56 -5.35
C SER B 152 -10.73 1.42 -4.33
N VAL B 153 -11.62 2.28 -4.80
CA VAL B 153 -12.37 3.12 -3.89
C VAL B 153 -13.13 2.38 -2.77
N ASP B 154 -13.54 1.13 -3.02
CA ASP B 154 -14.29 0.38 -1.98
C ASP B 154 -13.35 -0.11 -0.95
N GLU B 155 -12.16 -0.44 -1.40
CA GLU B 155 -11.14 -0.97 -0.51
C GLU B 155 -10.69 0.11 0.46
N ILE B 156 -10.50 1.31 -0.07
CA ILE B 156 -10.04 2.44 0.71
C ILE B 156 -11.12 2.82 1.71
N LEU B 157 -12.37 2.81 1.30
CA LEU B 157 -13.44 3.17 2.21
C LEU B 157 -13.44 2.17 3.35
N ARG B 158 -13.24 0.90 3.02
CA ARG B 158 -13.23 -0.16 4.02
C ARG B 158 -12.11 0.09 5.03
N LEU B 159 -10.94 0.41 4.49
CA LEU B 159 -9.78 0.69 5.32
C LEU B 159 -10.03 1.84 6.28
N VAL B 160 -10.62 2.95 5.81
CA VAL B 160 -10.91 4.08 6.68
C VAL B 160 -11.82 3.59 7.82
N GLN B 161 -12.88 2.84 7.48
CA GLN B 161 -13.78 2.33 8.53
C GLN B 161 -13.05 1.44 9.52
N ALA B 162 -12.08 0.67 9.04
CA ALA B 162 -11.32 -0.18 9.94
C ALA B 162 -10.47 0.62 10.89
N PHE B 163 -9.76 1.64 10.37
CA PHE B 163 -8.90 2.49 11.20
C PHE B 163 -9.73 3.21 12.24
N GLN B 164 -10.87 3.74 11.85
CA GLN B 164 -11.71 4.43 12.83
C GLN B 164 -12.12 3.43 13.93
N PHE B 165 -12.62 2.24 13.53
CA PHE B 165 -13.02 1.24 14.50
C PHE B 165 -11.84 0.97 15.46
N THR B 166 -10.63 0.75 14.96
CA THR B 166 -9.48 0.51 15.84
C THR B 166 -9.37 1.58 16.89
N ASP B 167 -9.56 2.82 16.47
CA ASP B 167 -9.46 3.98 17.35
C ASP B 167 -10.48 3.81 18.48
N LYS B 168 -11.75 3.77 18.09
CA LYS B 168 -12.84 3.60 19.02
C LYS B 168 -12.80 2.34 19.88
N HIS B 169 -11.96 1.33 19.60
CA HIS B 169 -11.92 0.09 20.42
C HIS B 169 -10.49 -0.42 20.56
N GLY B 170 -10.00 -1.16 19.56
CA GLY B 170 -8.61 -1.61 19.61
C GLY B 170 -8.31 -3.03 20.14
N GLU B 171 -8.57 -3.26 21.44
CA GLU B 171 -8.34 -4.57 22.08
C GLU B 171 -9.27 -5.62 21.43
N VAL B 172 -10.21 -5.14 20.62
CA VAL B 172 -11.16 -6.00 19.92
C VAL B 172 -10.90 -5.97 18.40
N CYS B 173 -11.08 -7.14 17.78
CA CYS B 173 -10.83 -7.27 16.36
C CYS B 173 -11.95 -6.69 15.52
N PRO B 174 -11.61 -5.87 14.50
CA PRO B 174 -12.65 -5.31 13.63
C PRO B 174 -13.50 -6.45 12.93
N ALA B 175 -13.17 -7.73 13.26
CA ALA B 175 -13.83 -8.99 12.82
C ALA B 175 -13.94 -9.09 11.30
CL CL C . -0.72 -9.61 11.64
CL CL D . -3.42 8.18 -12.62
#